data_1ZD1
#
_entry.id   1ZD1
#
_cell.length_a   98.938
_cell.length_b   74.195
_cell.length_c   85.832
_cell.angle_alpha   90.00
_cell.angle_beta   105.52
_cell.angle_gamma   90.00
#
_symmetry.space_group_name_H-M   'C 1 2 1'
#
loop_
_entity.id
_entity.type
_entity.pdbx_description
1 polymer 'Sulfotransferase 4A1'
2 non-polymer GLYCEROL
3 water water
#
_entity_poly.entity_id   1
_entity_poly.type   'polypeptide(L)'
_entity_poly.pdbx_seq_one_letter_code
;MAESEAETPSTPGEFESKYFEFHGVRLPPFCRGKMEEIANFPVRPSDVWIVTYPKSGTSLLQEVVYLVSQGADPDEIGLM
NIDEQLPVLEYPQPGLDIIKELTSPRLIKSHLPYRFLPSDLHNGDSKVIYMARNPKDLVVSYYQFHRSLRTMSYRGTFQE
FCRRFMNDKLGYGSWFEHVQEFWEHRMDSNVLFLKYEDMHRDLVTMVEQLARFLGVSCDKAQLEALTEHCHQLVDQCCNA
EALPVGRGRVGLWKDIFTVSMNEKFDLVYKQKMGKCDLTFDFYL
;
_entity_poly.pdbx_strand_id   A,B
#
# COMPACT_ATOMS: atom_id res chain seq x y z
N GLY A 13 5.73 -30.55 16.12
CA GLY A 13 4.63 -29.51 15.72
C GLY A 13 5.20 -28.10 15.79
N GLU A 14 5.49 -27.66 17.02
CA GLU A 14 6.37 -26.51 17.29
C GLU A 14 7.87 -26.89 17.37
N PHE A 15 8.23 -28.12 17.06
CA PHE A 15 9.66 -28.46 16.98
C PHE A 15 10.36 -27.46 16.02
N GLU A 16 11.43 -26.83 16.51
CA GLU A 16 12.30 -25.90 15.77
C GLU A 16 11.56 -24.71 15.27
N SER A 17 10.50 -24.38 15.99
CA SER A 17 9.63 -23.28 15.69
C SER A 17 8.83 -23.39 14.41
N LYS A 18 8.69 -24.59 13.82
CA LYS A 18 8.02 -24.70 12.48
C LYS A 18 6.61 -24.13 12.42
N TYR A 19 5.87 -24.33 13.50
CA TYR A 19 4.47 -23.86 13.68
C TYR A 19 4.35 -23.26 15.05
N PHE A 20 3.23 -22.56 15.28
CA PHE A 20 2.91 -21.95 16.55
C PHE A 20 1.60 -22.55 16.85
N GLU A 21 1.59 -23.28 17.97
CA GLU A 21 0.41 -24.01 18.43
C GLU A 21 -0.38 -23.15 19.41
N PHE A 22 -1.62 -22.79 19.05
CA PHE A 22 -2.38 -21.88 19.84
C PHE A 22 -3.73 -22.48 20.13
N HIS A 23 -4.03 -22.79 21.41
CA HIS A 23 -5.35 -23.34 21.81
C HIS A 23 -5.83 -24.49 20.89
N GLY A 24 -4.87 -25.40 20.61
CA GLY A 24 -5.09 -26.66 19.88
C GLY A 24 -5.02 -26.51 18.37
N VAL A 25 -4.53 -25.40 17.86
CA VAL A 25 -4.57 -25.12 16.40
C VAL A 25 -3.16 -24.77 16.02
N ARG A 26 -2.71 -25.37 14.93
CA ARG A 26 -1.40 -25.14 14.43
C ARG A 26 -1.41 -23.86 13.54
N LEU A 27 -0.74 -22.78 13.96
CA LEU A 27 -0.75 -21.53 13.21
C LEU A 27 0.63 -21.35 12.64
N PRO A 28 0.76 -20.51 11.60
CA PRO A 28 2.12 -20.24 11.12
C PRO A 28 2.97 -19.62 12.21
N PRO A 29 4.29 -19.78 12.11
CA PRO A 29 5.17 -19.18 13.13
C PRO A 29 4.98 -17.67 13.28
N PHE A 30 4.48 -16.99 12.23
CA PHE A 30 4.40 -15.51 12.28
C PHE A 30 3.28 -14.98 13.11
N CYS A 31 2.38 -15.90 13.52
CA CYS A 31 1.27 -15.62 14.41
C CYS A 31 1.72 -15.52 15.86
N ARG A 32 2.92 -16.02 16.22
CA ARG A 32 3.35 -15.94 17.61
C ARG A 32 3.53 -14.47 18.09
N GLY A 33 3.04 -14.17 19.30
CA GLY A 33 3.34 -12.91 20.01
C GLY A 33 2.38 -11.84 19.56
N LYS A 34 1.33 -12.18 18.81
CA LYS A 34 0.35 -11.12 18.36
C LYS A 34 -1.08 -11.56 18.42
N MET A 35 -1.40 -12.65 19.08
CA MET A 35 -2.83 -13.14 19.13
C MET A 35 -3.75 -12.33 20.04
N GLU A 36 -3.12 -11.76 21.07
CA GLU A 36 -3.76 -10.77 21.96
C GLU A 36 -4.03 -9.46 21.24
N GLU A 37 -3.02 -8.84 20.63
CA GLU A 37 -3.26 -7.67 19.78
C GLU A 37 -4.37 -7.86 18.70
N ILE A 38 -4.46 -9.03 18.04
CA ILE A 38 -5.56 -9.33 17.05
C ILE A 38 -6.87 -9.52 17.74
N ALA A 39 -6.88 -10.26 18.84
CA ALA A 39 -8.15 -10.38 19.56
C ALA A 39 -8.70 -8.96 19.87
N ASN A 40 -7.83 -8.08 20.34
CA ASN A 40 -8.17 -6.69 20.67
C ASN A 40 -8.24 -5.65 19.49
N PHE A 41 -7.86 -6.06 18.25
CA PHE A 41 -7.81 -5.18 17.08
C PHE A 41 -9.11 -4.39 16.97
N PRO A 42 -9.03 -3.05 16.97
CA PRO A 42 -10.34 -2.34 16.85
C PRO A 42 -10.91 -2.34 15.46
N VAL A 43 -12.11 -2.89 15.39
CA VAL A 43 -12.79 -3.07 14.14
C VAL A 43 -13.64 -1.80 13.94
N ARG A 44 -13.68 -1.27 12.71
CA ARG A 44 -14.54 -0.13 12.34
C ARG A 44 -15.82 -0.70 11.71
N PRO A 45 -16.96 -0.07 11.94
CA PRO A 45 -18.16 -0.67 11.40
C PRO A 45 -18.13 -0.75 9.83
N SER A 46 -17.28 0.04 9.18
CA SER A 46 -17.28 0.11 7.70
C SER A 46 -16.21 -0.79 7.11
N ASP A 47 -15.48 -1.52 7.99
CA ASP A 47 -14.50 -2.51 7.59
C ASP A 47 -15.26 -3.63 6.89
N VAL A 48 -14.58 -4.27 5.94
CA VAL A 48 -15.03 -5.48 5.31
C VAL A 48 -13.91 -6.51 5.47
N TRP A 49 -14.21 -7.59 6.17
CA TRP A 49 -13.25 -8.66 6.50
C TRP A 49 -13.58 -9.83 5.59
N ILE A 50 -12.57 -10.26 4.86
CA ILE A 50 -12.64 -11.36 3.92
C ILE A 50 -11.88 -12.57 4.54
N VAL A 51 -12.56 -13.68 4.82
CA VAL A 51 -11.78 -14.76 5.41
C VAL A 51 -11.73 -15.95 4.41
N THR A 52 -10.53 -16.56 4.33
CA THR A 52 -10.35 -17.70 3.42
C THR A 52 -9.39 -18.63 4.15
N TYR A 53 -9.52 -19.94 3.90
CA TYR A 53 -8.47 -20.90 4.16
C TYR A 53 -7.23 -20.50 3.25
N PRO A 54 -6.01 -20.64 3.78
CA PRO A 54 -4.87 -20.21 2.98
C PRO A 54 -4.81 -20.89 1.63
N LYS A 55 -4.36 -20.09 0.66
CA LYS A 55 -3.97 -20.57 -0.69
C LYS A 55 -5.11 -21.32 -1.36
N SER A 56 -6.36 -20.96 -1.05
CA SER A 56 -7.56 -21.77 -1.51
C SER A 56 -8.01 -21.42 -2.87
N GLY A 57 -7.30 -20.47 -3.49
CA GLY A 57 -7.53 -20.10 -4.89
C GLY A 57 -8.84 -19.37 -5.20
N THR A 58 -9.33 -18.55 -4.24
CA THR A 58 -10.58 -17.79 -4.43
C THR A 58 -10.35 -16.31 -4.88
N SER A 59 -9.10 -15.89 -5.25
CA SER A 59 -8.80 -14.49 -5.63
C SER A 59 -9.89 -13.77 -6.42
N LEU A 60 -10.55 -14.52 -7.27
CA LEU A 60 -11.46 -13.92 -8.22
C LEU A 60 -12.70 -13.45 -7.47
N LEU A 61 -13.17 -14.25 -6.49
CA LEU A 61 -14.30 -13.88 -5.61
C LEU A 61 -13.88 -12.68 -4.77
N GLN A 62 -12.59 -12.56 -4.49
CA GLN A 62 -12.10 -11.46 -3.74
C GLN A 62 -12.23 -10.20 -4.58
N GLU A 63 -11.94 -10.28 -5.89
CA GLU A 63 -11.98 -9.16 -6.80
C GLU A 63 -13.36 -8.63 -7.00
N VAL A 64 -14.32 -9.55 -7.03
CA VAL A 64 -15.71 -9.26 -7.11
C VAL A 64 -16.22 -8.52 -5.86
N VAL A 65 -15.82 -8.96 -4.67
CA VAL A 65 -16.17 -8.26 -3.43
C VAL A 65 -15.58 -6.83 -3.49
N TYR A 66 -14.31 -6.74 -3.88
CA TYR A 66 -13.69 -5.43 -3.92
C TYR A 66 -14.49 -4.53 -4.86
N LEU A 67 -14.76 -5.01 -6.06
CA LEU A 67 -15.56 -4.28 -7.02
C LEU A 67 -16.92 -3.90 -6.42
N VAL A 68 -17.58 -4.81 -5.70
CA VAL A 68 -18.93 -4.54 -5.11
C VAL A 68 -18.87 -3.40 -4.07
N SER A 69 -17.90 -3.44 -3.17
CA SER A 69 -17.68 -2.41 -2.18
C SER A 69 -17.17 -1.13 -2.84
N GLN A 70 -18.12 -0.49 -3.54
CA GLN A 70 -17.95 0.80 -4.26
C GLN A 70 -19.01 1.07 -5.37
N GLY A 71 -20.27 0.71 -5.11
CA GLY A 71 -21.35 1.03 -6.05
C GLY A 71 -22.31 2.09 -5.54
N GLU A 84 -1.98 -8.88 -3.16
CA GLU A 84 -0.84 -8.01 -2.88
C GLU A 84 -1.32 -6.59 -2.59
N GLN A 85 -2.57 -6.36 -2.94
CA GLN A 85 -3.20 -5.09 -2.77
C GLN A 85 -3.96 -5.11 -1.44
N LEU A 86 -4.57 -6.26 -1.07
CA LEU A 86 -5.31 -6.43 0.23
C LEU A 86 -4.42 -6.94 1.40
N PRO A 87 -4.39 -6.24 2.52
CA PRO A 87 -3.48 -6.64 3.64
C PRO A 87 -4.04 -7.87 4.41
N VAL A 88 -3.19 -8.79 4.85
CA VAL A 88 -3.65 -9.87 5.76
C VAL A 88 -3.30 -9.52 7.19
N LEU A 89 -4.33 -9.49 8.06
CA LEU A 89 -4.18 -9.03 9.43
C LEU A 89 -2.93 -9.59 10.15
N GLU A 90 -2.74 -10.90 10.01
CA GLU A 90 -1.76 -11.66 10.83
C GLU A 90 -0.38 -11.85 10.12
N TYR A 91 -0.30 -11.38 8.87
CA TYR A 91 0.95 -11.47 8.14
C TYR A 91 2.01 -10.47 8.69
N PRO A 92 3.29 -10.83 8.57
CA PRO A 92 4.44 -9.96 8.86
C PRO A 92 4.33 -8.55 8.29
N GLN A 93 3.85 -8.47 7.05
CA GLN A 93 3.62 -7.20 6.33
C GLN A 93 2.16 -7.10 5.84
N PRO A 94 1.57 -5.88 5.92
CA PRO A 94 2.30 -4.63 6.33
C PRO A 94 2.45 -4.46 7.85
N GLY A 95 1.77 -5.31 8.62
CA GLY A 95 1.85 -5.28 10.06
C GLY A 95 0.60 -4.69 10.60
N LEU A 96 0.31 -4.93 11.88
CA LEU A 96 -0.93 -4.43 12.54
C LEU A 96 -0.97 -2.91 12.68
N ASP A 97 0.18 -2.32 12.93
CA ASP A 97 0.28 -0.83 13.06
C ASP A 97 -0.09 -0.10 11.81
N ILE A 98 0.38 -0.55 10.64
CA ILE A 98 -0.05 0.05 9.38
C ILE A 98 -1.56 -0.17 9.22
N ILE A 99 -2.04 -1.42 9.38
CA ILE A 99 -3.50 -1.67 9.25
C ILE A 99 -4.37 -0.83 10.14
N LYS A 100 -3.98 -0.55 11.38
CA LYS A 100 -4.75 0.40 12.22
C LYS A 100 -5.02 1.80 11.62
N GLU A 101 -4.13 2.31 10.76
CA GLU A 101 -4.17 3.69 10.30
C GLU A 101 -4.63 3.79 8.86
N LEU A 102 -4.87 2.67 8.22
CA LEU A 102 -5.48 2.70 6.94
C LEU A 102 -6.80 3.43 7.01
N THR A 103 -7.03 4.24 5.97
CA THR A 103 -8.25 5.03 5.90
C THR A 103 -9.45 4.14 5.56
N SER A 104 -10.57 4.47 6.14
CA SER A 104 -11.79 3.82 5.81
C SER A 104 -12.32 4.10 4.38
N PRO A 105 -13.04 3.11 3.80
CA PRO A 105 -13.41 1.81 4.45
C PRO A 105 -12.29 0.79 4.23
N ARG A 106 -11.93 0.03 5.28
CA ARG A 106 -10.76 -0.90 5.15
C ARG A 106 -11.26 -2.25 4.62
N LEU A 107 -10.50 -2.83 3.69
CA LEU A 107 -10.77 -4.20 3.23
C LEU A 107 -9.63 -5.08 3.77
N ILE A 108 -9.95 -6.01 4.66
CA ILE A 108 -8.88 -6.61 5.44
C ILE A 108 -9.02 -8.13 5.29
N LYS A 109 -7.91 -8.83 5.02
CA LYS A 109 -8.01 -10.23 4.76
C LYS A 109 -7.51 -10.99 6.01
N SER A 110 -8.11 -12.17 6.28
CA SER A 110 -7.51 -13.09 7.23
C SER A 110 -7.65 -14.55 6.82
N HIS A 111 -6.73 -15.40 7.32
CA HIS A 111 -6.95 -16.91 7.27
C HIS A 111 -7.22 -17.61 8.62
N LEU A 112 -7.36 -16.83 9.68
CA LEU A 112 -7.55 -17.37 11.01
C LEU A 112 -8.95 -17.98 11.09
N PRO A 113 -9.06 -19.04 11.93
CA PRO A 113 -10.37 -19.51 12.33
C PRO A 113 -11.17 -18.39 13.02
N TYR A 114 -12.49 -18.50 12.94
CA TYR A 114 -13.43 -17.55 13.48
C TYR A 114 -12.99 -17.17 14.90
N ARG A 115 -12.68 -18.16 15.71
CA ARG A 115 -12.47 -17.94 17.12
C ARG A 115 -11.31 -17.06 17.34
N PHE A 116 -10.37 -16.99 16.39
CA PHE A 116 -9.11 -16.18 16.62
C PHE A 116 -9.13 -14.79 16.05
N LEU A 117 -10.22 -14.48 15.35
CA LEU A 117 -10.51 -13.16 14.79
C LEU A 117 -10.71 -12.10 15.91
N PRO A 118 -10.50 -10.85 15.54
CA PRO A 118 -10.88 -9.78 16.49
C PRO A 118 -12.16 -9.99 17.22
N SER A 119 -12.04 -9.97 18.55
CA SER A 119 -13.18 -10.06 19.44
C SER A 119 -14.38 -9.13 19.13
N ASP A 120 -14.14 -7.93 18.61
CA ASP A 120 -15.26 -7.10 18.05
C ASP A 120 -16.17 -7.80 17.05
N LEU A 121 -15.64 -8.71 16.25
CA LEU A 121 -16.39 -9.43 15.23
C LEU A 121 -17.26 -10.45 15.86
N HIS A 122 -16.81 -11.04 16.98
CA HIS A 122 -17.64 -11.98 17.76
C HIS A 122 -18.85 -11.27 18.42
N ASN A 123 -18.72 -9.96 18.64
CA ASN A 123 -19.92 -9.24 19.15
C ASN A 123 -20.87 -8.71 18.02
N GLY A 124 -20.73 -9.13 16.77
CA GLY A 124 -21.61 -8.62 15.69
C GLY A 124 -21.15 -7.39 14.98
N ASP A 125 -19.95 -6.91 15.24
CA ASP A 125 -19.54 -5.67 14.55
C ASP A 125 -19.16 -5.93 13.11
N SER A 126 -19.31 -4.89 12.26
CA SER A 126 -18.72 -4.82 10.95
C SER A 126 -19.25 -5.94 10.02
N LYS A 127 -18.47 -6.41 9.06
CA LYS A 127 -19.03 -7.40 8.11
C LYS A 127 -17.95 -8.37 7.78
N VAL A 128 -18.19 -9.66 8.02
CA VAL A 128 -17.21 -10.73 7.70
C VAL A 128 -17.71 -11.65 6.57
N ILE A 129 -16.94 -11.75 5.46
CA ILE A 129 -17.35 -12.69 4.39
C ILE A 129 -16.45 -13.89 4.38
N TYR A 130 -17.02 -15.10 4.52
CA TYR A 130 -16.15 -16.25 4.51
C TYR A 130 -16.27 -16.92 3.14
N MET A 131 -15.13 -17.23 2.46
CA MET A 131 -15.22 -17.85 1.14
C MET A 131 -14.70 -19.27 1.24
N ALA A 132 -15.66 -20.16 1.24
CA ALA A 132 -15.43 -21.58 1.22
C ALA A 132 -15.17 -22.06 -0.21
N ARG A 133 -14.56 -23.24 -0.28
CA ARG A 133 -14.43 -23.96 -1.58
C ARG A 133 -14.45 -25.45 -1.31
N ASN A 134 -14.97 -26.25 -2.25
CA ASN A 134 -14.95 -27.66 -2.00
C ASN A 134 -13.46 -28.01 -1.69
N PRO A 135 -13.26 -28.91 -0.75
CA PRO A 135 -11.92 -29.28 -0.28
C PRO A 135 -10.98 -30.03 -1.24
N LYS A 136 -11.53 -30.69 -2.27
CA LYS A 136 -10.71 -31.32 -3.30
C LYS A 136 -10.00 -30.30 -4.20
N ASP A 137 -10.72 -29.30 -4.77
CA ASP A 137 -10.05 -28.27 -5.51
C ASP A 137 -9.09 -27.48 -4.61
N LEU A 138 -9.47 -27.26 -3.36
CA LEU A 138 -8.73 -26.41 -2.42
C LEU A 138 -7.30 -26.96 -2.13
N VAL A 139 -7.20 -28.27 -1.86
CA VAL A 139 -5.88 -29.02 -1.77
C VAL A 139 -5.06 -28.93 -3.06
N VAL A 140 -5.66 -29.07 -4.23
CA VAL A 140 -4.90 -28.85 -5.45
C VAL A 140 -4.38 -27.40 -5.56
N SER A 141 -5.24 -26.41 -5.33
CA SER A 141 -4.82 -25.05 -5.35
C SER A 141 -3.69 -24.83 -4.33
N TYR A 142 -3.93 -25.22 -3.11
CA TYR A 142 -2.96 -25.02 -2.07
C TYR A 142 -1.60 -25.62 -2.56
N TYR A 143 -1.59 -26.86 -3.02
CA TYR A 143 -0.39 -27.53 -3.51
C TYR A 143 0.20 -26.82 -4.73
N GLN A 144 -0.64 -26.29 -5.63
CA GLN A 144 -0.12 -25.61 -6.80
C GLN A 144 0.28 -24.18 -6.56
N PHE A 145 -0.03 -23.61 -5.38
CA PHE A 145 0.30 -22.19 -5.06
C PHE A 145 1.79 -21.86 -5.14
N HIS A 146 2.22 -20.81 -5.87
CA HIS A 146 3.65 -20.41 -5.75
C HIS A 146 3.89 -18.87 -5.76
N GLY A 156 7.99 -32.10 -2.00
CA GLY A 156 6.55 -32.23 -1.81
C GLY A 156 5.86 -32.96 -2.95
N THR A 157 5.38 -34.18 -2.71
CA THR A 157 4.43 -34.80 -3.65
C THR A 157 3.04 -34.25 -3.31
N PHE A 158 2.21 -34.03 -4.33
CA PHE A 158 0.81 -33.78 -4.11
C PHE A 158 0.23 -34.78 -3.06
N GLN A 159 0.70 -36.00 -3.10
CA GLN A 159 0.14 -37.08 -2.27
C GLN A 159 0.47 -36.89 -0.79
N GLU A 160 1.65 -36.33 -0.49
CA GLU A 160 2.02 -36.09 0.92
C GLU A 160 1.30 -34.87 1.38
N PHE A 161 1.26 -33.88 0.53
CA PHE A 161 0.45 -32.72 0.81
C PHE A 161 -1.04 -32.99 1.15
N CYS A 162 -1.67 -33.78 0.29
CA CYS A 162 -2.99 -34.25 0.53
C CYS A 162 -3.06 -35.01 1.87
N ARG A 163 -2.03 -35.78 2.19
CA ARG A 163 -2.06 -36.52 3.44
C ARG A 163 -1.94 -35.62 4.65
N ARG A 164 -1.10 -34.59 4.53
CA ARG A 164 -0.95 -33.59 5.56
C ARG A 164 -2.25 -32.83 5.72
N PHE A 165 -2.91 -32.52 4.62
CA PHE A 165 -4.23 -31.93 4.67
C PHE A 165 -5.24 -32.82 5.42
N MET A 166 -5.33 -34.09 5.06
CA MET A 166 -6.26 -35.03 5.69
C MET A 166 -5.99 -35.24 7.18
N ASN A 167 -4.71 -35.19 7.55
CA ASN A 167 -4.29 -35.37 8.95
C ASN A 167 -4.12 -34.07 9.73
N ASP A 168 -4.65 -32.97 9.17
CA ASP A 168 -4.81 -31.69 9.89
C ASP A 168 -3.47 -31.05 10.33
N LYS A 169 -2.51 -31.19 9.42
CA LYS A 169 -1.15 -30.83 9.61
C LYS A 169 -0.71 -29.49 9.00
N LEU A 170 -1.59 -28.79 8.27
CA LEU A 170 -1.24 -27.53 7.59
C LEU A 170 -1.34 -26.31 8.56
N GLY A 171 -0.66 -25.20 8.24
CA GLY A 171 -0.73 -23.96 9.03
C GLY A 171 -2.20 -23.55 9.00
N TYR A 172 -2.73 -23.16 10.16
CA TYR A 172 -4.13 -22.67 10.30
C TYR A 172 -5.10 -23.77 10.56
N GLY A 173 -4.61 -24.99 10.55
CA GLY A 173 -5.33 -26.02 11.27
C GLY A 173 -6.16 -26.85 10.36
N SER A 174 -7.03 -27.62 11.01
CA SER A 174 -7.95 -28.47 10.31
C SER A 174 -8.84 -27.58 9.46
N TRP A 175 -8.98 -28.00 8.21
CA TRP A 175 -9.82 -27.36 7.29
C TRP A 175 -11.24 -27.61 7.71
N PHE A 176 -11.50 -28.82 8.19
CA PHE A 176 -12.85 -29.27 8.52
C PHE A 176 -13.29 -28.44 9.68
N GLU A 177 -12.41 -28.24 10.65
CA GLU A 177 -12.75 -27.25 11.67
C GLU A 177 -12.92 -25.78 11.24
N HIS A 178 -12.10 -25.30 10.30
CA HIS A 178 -12.08 -23.88 9.91
C HIS A 178 -13.45 -23.57 9.25
N VAL A 179 -13.82 -24.42 8.29
CA VAL A 179 -15.05 -24.24 7.51
C VAL A 179 -16.32 -24.44 8.38
N GLN A 180 -16.37 -25.52 9.15
CA GLN A 180 -17.55 -25.79 9.98
C GLN A 180 -17.86 -24.67 11.01
N GLU A 181 -16.80 -24.05 11.62
CA GLU A 181 -17.02 -22.88 12.51
C GLU A 181 -17.68 -21.64 11.86
N PHE A 182 -17.28 -21.28 10.63
CA PHE A 182 -17.89 -20.21 9.91
C PHE A 182 -19.31 -20.62 9.41
N TRP A 183 -19.51 -21.89 9.01
CA TRP A 183 -20.83 -22.38 8.62
C TRP A 183 -21.79 -22.26 9.82
N GLU A 184 -21.34 -22.64 11.00
CA GLU A 184 -22.19 -22.55 12.17
C GLU A 184 -22.65 -21.13 12.50
N HIS A 185 -22.00 -20.12 11.92
CA HIS A 185 -22.20 -18.71 12.24
C HIS A 185 -22.72 -18.02 11.05
N ARG A 186 -23.19 -18.78 10.07
CA ARG A 186 -23.59 -18.13 8.83
C ARG A 186 -24.91 -17.37 8.95
N MET A 187 -25.67 -17.66 10.02
CA MET A 187 -26.94 -16.96 10.23
C MET A 187 -26.75 -15.67 11.03
N ASP A 188 -25.56 -15.48 11.62
CA ASP A 188 -25.20 -14.23 12.35
C ASP A 188 -25.36 -13.09 11.40
N SER A 189 -25.71 -11.94 11.93
CA SER A 189 -25.98 -10.78 11.14
C SER A 189 -24.75 -10.07 10.46
N ASN A 190 -23.52 -10.24 11.01
CA ASN A 190 -22.32 -9.69 10.38
C ASN A 190 -21.48 -10.80 9.63
N VAL A 191 -22.09 -11.97 9.40
CA VAL A 191 -21.47 -13.07 8.70
C VAL A 191 -22.20 -13.45 7.42
N LEU A 192 -21.49 -13.39 6.28
CA LEU A 192 -21.94 -14.00 4.99
C LEU A 192 -20.97 -15.17 4.54
N PHE A 193 -21.45 -16.42 4.57
CA PHE A 193 -20.71 -17.61 4.24
C PHE A 193 -20.94 -17.76 2.76
N LEU A 194 -19.93 -17.55 1.94
CA LEU A 194 -20.07 -17.81 0.50
C LEU A 194 -19.31 -19.06 0.09
N LYS A 195 -19.82 -19.74 -0.94
CA LYS A 195 -19.12 -20.87 -1.55
C LYS A 195 -18.56 -20.45 -2.90
N TYR A 196 -17.25 -20.66 -3.09
CA TYR A 196 -16.54 -20.28 -4.33
C TYR A 196 -17.33 -20.73 -5.59
N GLU A 197 -17.82 -21.98 -5.59
CA GLU A 197 -18.45 -22.56 -6.80
C GLU A 197 -19.72 -21.84 -7.17
N ASP A 198 -20.41 -21.24 -6.18
CA ASP A 198 -21.67 -20.52 -6.48
C ASP A 198 -21.43 -19.24 -7.31
N MET A 199 -20.22 -18.70 -7.24
CA MET A 199 -19.87 -17.54 -8.06
C MET A 199 -19.88 -17.86 -9.58
N HIS A 200 -19.65 -19.13 -9.91
CA HIS A 200 -19.73 -19.63 -11.24
C HIS A 200 -21.10 -20.21 -11.58
N ARG A 201 -21.80 -20.85 -10.64
CA ARG A 201 -23.16 -21.28 -10.98
C ARG A 201 -24.21 -20.20 -10.95
N ASP A 202 -24.01 -19.16 -10.17
CA ASP A 202 -25.03 -18.13 -10.04
C ASP A 202 -24.48 -16.82 -9.49
N LEU A 203 -23.75 -16.13 -10.35
CA LEU A 203 -23.14 -14.85 -10.02
C LEU A 203 -24.17 -13.79 -9.67
N VAL A 204 -25.35 -13.89 -10.29
CA VAL A 204 -26.38 -12.84 -10.15
C VAL A 204 -26.90 -12.78 -8.71
N THR A 205 -27.35 -13.92 -8.19
CA THR A 205 -27.77 -14.03 -6.80
C THR A 205 -26.66 -13.53 -5.91
N MET A 206 -25.45 -13.98 -6.20
CA MET A 206 -24.31 -13.70 -5.37
C MET A 206 -24.02 -12.23 -5.28
N VAL A 207 -23.86 -11.54 -6.39
CA VAL A 207 -23.57 -10.14 -6.39
C VAL A 207 -24.59 -9.29 -5.56
N GLU A 208 -25.87 -9.69 -5.54
CA GLU A 208 -26.88 -8.90 -4.88
C GLU A 208 -26.86 -9.25 -3.41
N GLN A 209 -26.64 -10.54 -3.16
CA GLN A 209 -26.43 -11.00 -1.81
C GLN A 209 -25.33 -10.18 -1.17
N LEU A 210 -24.29 -9.84 -1.92
CA LEU A 210 -23.16 -9.06 -1.40
C LEU A 210 -23.43 -7.58 -1.26
N ALA A 211 -24.12 -7.04 -2.26
CA ALA A 211 -24.59 -5.68 -2.28
C ALA A 211 -25.43 -5.51 -1.04
N ARG A 212 -26.47 -6.32 -0.81
CA ARG A 212 -27.30 -6.16 0.39
C ARG A 212 -26.50 -6.35 1.67
N PHE A 213 -25.71 -7.42 1.77
CA PHE A 213 -24.90 -7.64 2.98
C PHE A 213 -24.06 -6.43 3.38
N LEU A 214 -23.38 -5.90 2.39
CA LEU A 214 -22.48 -4.76 2.54
C LEU A 214 -23.15 -3.32 2.58
N GLY A 215 -24.50 -3.26 2.54
CA GLY A 215 -25.23 -1.94 2.46
C GLY A 215 -24.79 -1.07 1.27
N VAL A 216 -24.42 -1.69 0.15
CA VAL A 216 -24.14 -0.93 -1.08
C VAL A 216 -25.49 -0.76 -1.77
N SER A 217 -26.07 0.44 -1.67
CA SER A 217 -27.43 0.68 -2.20
C SER A 217 -27.46 1.10 -3.69
N CYS A 218 -28.20 0.35 -4.47
CA CYS A 218 -28.25 0.56 -5.91
C CYS A 218 -29.71 0.68 -6.27
N ASP A 219 -30.05 1.57 -7.23
CA ASP A 219 -31.30 1.37 -8.00
C ASP A 219 -31.22 0.11 -8.91
N LYS A 220 -32.32 -0.26 -9.58
CA LYS A 220 -32.29 -1.42 -10.50
C LYS A 220 -31.09 -1.39 -11.44
N ALA A 221 -30.91 -0.26 -12.14
CA ALA A 221 -29.95 -0.11 -13.21
C ALA A 221 -28.53 -0.21 -12.73
N GLN A 222 -28.29 0.34 -11.53
CA GLN A 222 -26.97 0.29 -10.94
C GLN A 222 -26.64 -1.13 -10.51
N LEU A 223 -27.63 -1.90 -10.03
CA LEU A 223 -27.38 -3.26 -9.70
C LEU A 223 -27.09 -4.08 -10.98
N GLU A 224 -27.85 -3.83 -12.05
CA GLU A 224 -27.66 -4.56 -13.31
C GLU A 224 -26.28 -4.26 -13.83
N ALA A 225 -25.92 -2.98 -13.86
CA ALA A 225 -24.57 -2.55 -14.27
C ALA A 225 -23.49 -3.13 -13.42
N LEU A 226 -23.66 -3.17 -12.11
CA LEU A 226 -22.55 -3.60 -11.23
C LEU A 226 -22.32 -5.13 -11.43
N THR A 227 -23.41 -5.85 -11.56
CA THR A 227 -23.44 -7.28 -11.82
C THR A 227 -22.73 -7.64 -13.16
N GLU A 228 -22.99 -6.80 -14.17
CA GLU A 228 -22.39 -6.94 -15.46
C GLU A 228 -20.90 -6.65 -15.37
N HIS A 229 -20.47 -5.66 -14.57
CA HIS A 229 -19.02 -5.52 -14.29
C HIS A 229 -18.35 -6.72 -13.59
N CYS A 230 -19.04 -7.31 -12.61
CA CYS A 230 -18.59 -8.53 -11.92
C CYS A 230 -18.51 -9.68 -12.95
N HIS A 231 -19.56 -9.81 -13.77
CA HIS A 231 -19.60 -10.81 -14.81
C HIS A 231 -18.42 -10.67 -15.75
N GLN A 232 -18.19 -9.50 -16.30
CA GLN A 232 -17.11 -9.29 -17.24
C GLN A 232 -15.78 -9.59 -16.62
N LEU A 233 -15.62 -9.29 -15.34
CA LEU A 233 -14.33 -9.48 -14.65
C LEU A 233 -14.03 -10.98 -14.42
N VAL A 234 -15.08 -11.71 -14.12
CA VAL A 234 -15.01 -13.16 -13.97
C VAL A 234 -14.69 -13.80 -15.36
N ASP A 235 -15.48 -13.43 -16.35
CA ASP A 235 -15.56 -14.11 -17.64
C ASP A 235 -14.26 -14.00 -18.41
N GLN A 236 -13.46 -13.04 -17.98
CA GLN A 236 -12.21 -12.67 -18.54
C GLN A 236 -11.05 -13.63 -18.15
N CYS A 237 -11.30 -14.52 -17.19
CA CYS A 237 -10.42 -15.59 -16.78
C CYS A 237 -10.89 -16.92 -17.33
N CYS A 238 -12.10 -16.92 -17.91
CA CYS A 238 -12.81 -18.16 -18.22
C CYS A 238 -12.42 -18.71 -19.58
N ASN A 239 -12.62 -20.01 -19.76
CA ASN A 239 -12.39 -20.63 -21.07
C ASN A 239 -13.71 -21.25 -21.54
N ALA A 240 -13.65 -22.26 -22.43
CA ALA A 240 -14.84 -22.92 -22.99
C ALA A 240 -15.65 -23.71 -21.93
N GLU A 241 -15.01 -24.02 -20.80
CA GLU A 241 -15.78 -24.61 -19.70
C GLU A 241 -16.64 -23.54 -19.00
N ALA A 242 -16.40 -22.24 -19.30
CA ALA A 242 -17.12 -21.15 -18.60
C ALA A 242 -16.68 -21.16 -17.08
N LEU A 243 -15.40 -21.55 -16.90
CA LEU A 243 -14.75 -21.65 -15.61
C LEU A 243 -13.35 -21.14 -15.83
N PRO A 244 -12.68 -20.66 -14.73
CA PRO A 244 -11.29 -20.15 -14.84
C PRO A 244 -10.32 -21.25 -15.18
N VAL A 245 -9.19 -20.81 -15.74
CA VAL A 245 -8.15 -21.67 -16.09
C VAL A 245 -7.20 -21.58 -14.88
N GLY A 246 -6.63 -22.68 -14.49
CA GLY A 246 -5.66 -22.64 -13.38
C GLY A 246 -6.31 -23.03 -12.03
N ARG A 247 -5.74 -22.47 -10.99
CA ARG A 247 -6.06 -22.85 -9.59
C ARG A 247 -7.49 -22.53 -9.22
N GLY A 248 -8.08 -21.55 -9.91
CA GLY A 248 -9.45 -21.14 -9.67
C GLY A 248 -10.46 -21.96 -10.42
N ARG A 249 -10.06 -22.96 -11.20
CA ARG A 249 -10.97 -23.81 -11.93
C ARG A 249 -11.75 -24.77 -11.00
N VAL A 250 -13.04 -24.92 -11.26
CA VAL A 250 -13.83 -25.85 -10.49
C VAL A 250 -13.82 -27.30 -11.10
N GLY A 251 -13.46 -28.31 -10.29
CA GLY A 251 -13.32 -29.68 -10.77
C GLY A 251 -11.88 -29.94 -11.19
N LEU A 252 -11.00 -28.98 -10.97
CA LEU A 252 -9.58 -29.13 -11.15
C LEU A 252 -9.00 -30.42 -10.55
N TRP A 253 -9.56 -30.81 -9.42
CA TRP A 253 -9.02 -31.90 -8.60
C TRP A 253 -9.07 -33.20 -9.36
N LYS A 254 -10.03 -33.32 -10.30
CA LYS A 254 -10.36 -34.59 -10.94
C LYS A 254 -9.19 -34.95 -11.85
N ASP A 255 -8.47 -33.94 -12.34
CA ASP A 255 -7.31 -34.14 -13.23
C ASP A 255 -6.03 -34.44 -12.51
N ILE A 256 -6.09 -34.33 -11.20
CA ILE A 256 -4.90 -34.49 -10.35
C ILE A 256 -5.05 -35.72 -9.43
N PHE A 257 -6.10 -35.77 -8.61
CA PHE A 257 -6.29 -36.91 -7.73
C PHE A 257 -6.25 -38.26 -8.50
N THR A 258 -5.52 -39.25 -7.97
CA THR A 258 -5.72 -40.62 -8.43
C THR A 258 -6.99 -41.17 -7.77
N VAL A 259 -7.57 -42.19 -8.39
CA VAL A 259 -8.69 -42.98 -7.80
C VAL A 259 -8.49 -43.40 -6.33
N SER A 260 -7.30 -43.85 -5.95
CA SER A 260 -7.21 -44.31 -4.58
C SER A 260 -7.07 -43.13 -3.64
N MET A 261 -6.30 -42.12 -4.05
CA MET A 261 -6.19 -40.88 -3.31
C MET A 261 -7.61 -40.39 -3.00
N ASN A 262 -8.46 -40.42 -4.02
CA ASN A 262 -9.80 -39.91 -3.90
C ASN A 262 -10.67 -40.78 -3.02
N GLU A 263 -10.44 -42.10 -3.08
CA GLU A 263 -11.17 -42.99 -2.18
C GLU A 263 -10.70 -42.71 -0.74
N LYS A 264 -9.42 -42.58 -0.51
CA LYS A 264 -8.92 -42.24 0.84
C LYS A 264 -9.49 -40.88 1.33
N PHE A 265 -9.40 -39.85 0.48
CA PHE A 265 -10.02 -38.55 0.82
C PHE A 265 -11.48 -38.61 1.27
N ASP A 266 -12.35 -39.20 0.43
CA ASP A 266 -13.81 -39.27 0.69
C ASP A 266 -14.14 -39.85 2.06
N LEU A 267 -13.30 -40.79 2.44
CA LEU A 267 -13.44 -41.52 3.68
C LEU A 267 -13.08 -40.65 4.86
N VAL A 268 -11.92 -40.02 4.81
CA VAL A 268 -11.58 -38.99 5.76
C VAL A 268 -12.65 -37.88 5.84
N TYR A 269 -13.11 -37.46 4.69
CA TYR A 269 -14.02 -36.32 4.60
C TYR A 269 -15.31 -36.62 5.30
N LYS A 270 -15.86 -37.81 5.08
CA LYS A 270 -17.14 -38.13 5.76
C LYS A 270 -17.03 -38.26 7.28
N GLN A 271 -15.88 -38.78 7.70
CA GLN A 271 -15.56 -38.99 9.07
C GLN A 271 -15.30 -37.67 9.80
N LYS A 272 -14.60 -36.72 9.16
CA LYS A 272 -14.29 -35.44 9.77
C LYS A 272 -15.37 -34.38 9.67
N MET A 273 -16.28 -34.58 8.74
CA MET A 273 -17.37 -33.67 8.56
C MET A 273 -18.52 -33.93 9.56
N GLY A 274 -18.73 -35.20 9.91
CA GLY A 274 -19.61 -35.57 11.01
C GLY A 274 -21.05 -35.21 10.71
N LYS A 275 -21.68 -34.58 11.69
CA LYS A 275 -23.13 -34.29 11.55
C LYS A 275 -23.36 -32.97 10.80
N CYS A 276 -22.25 -32.27 10.50
CA CYS A 276 -22.32 -31.04 9.74
C CYS A 276 -23.15 -31.20 8.47
N ASP A 277 -24.11 -30.31 8.23
CA ASP A 277 -24.89 -30.39 7.03
C ASP A 277 -24.36 -29.52 5.86
N LEU A 278 -23.08 -29.09 5.92
CA LEU A 278 -22.51 -28.31 4.81
C LEU A 278 -22.28 -29.27 3.58
N THR A 279 -22.71 -28.90 2.36
CA THR A 279 -22.37 -29.63 1.12
C THR A 279 -21.78 -28.66 0.10
N PHE A 280 -20.96 -29.18 -0.82
CA PHE A 280 -20.33 -28.45 -1.88
C PHE A 280 -20.69 -29.04 -3.22
N ASP A 281 -20.52 -28.20 -4.24
CA ASP A 281 -20.45 -28.71 -5.60
C ASP A 281 -18.95 -29.06 -5.84
N PHE A 282 -18.65 -30.31 -6.26
CA PHE A 282 -17.26 -30.70 -6.53
C PHE A 282 -16.94 -30.60 -8.04
N TYR A 283 -17.96 -30.21 -8.77
CA TYR A 283 -17.85 -29.98 -10.21
C TYR A 283 -19.08 -29.22 -10.66
N LEU A 284 -18.97 -28.62 -11.83
CA LEU A 284 -20.07 -27.85 -12.40
C LEU A 284 -20.19 -28.32 -13.86
N LYS B 18 21.15 33.56 -18.41
CA LYS B 18 20.63 33.78 -17.05
C LYS B 18 19.67 32.64 -16.73
N TYR B 19 18.60 32.53 -17.53
CA TYR B 19 17.68 31.40 -17.47
C TYR B 19 17.36 30.89 -18.88
N PHE B 20 16.82 29.68 -18.90
CA PHE B 20 16.29 29.04 -20.10
C PHE B 20 14.78 28.84 -19.88
N GLU B 21 13.97 29.38 -20.79
CA GLU B 21 12.52 29.24 -20.67
C GLU B 21 11.96 28.06 -21.45
N PHE B 22 11.17 27.23 -20.79
CA PHE B 22 10.63 26.02 -21.40
C PHE B 22 9.21 25.84 -20.98
N HIS B 23 8.30 25.83 -21.95
CA HIS B 23 6.86 25.67 -21.75
C HIS B 23 6.26 26.41 -20.52
N GLY B 24 6.34 27.74 -20.55
CA GLY B 24 5.94 28.59 -19.40
C GLY B 24 7.06 28.82 -18.37
N VAL B 25 7.97 27.84 -18.27
CA VAL B 25 8.83 27.66 -17.10
C VAL B 25 10.27 28.12 -17.27
N ARG B 26 10.71 28.89 -16.29
CA ARG B 26 12.09 29.27 -16.10
C ARG B 26 12.92 28.10 -15.55
N LEU B 27 13.96 27.70 -16.29
CA LEU B 27 14.83 26.62 -15.81
C LEU B 27 16.26 27.08 -15.95
N PRO B 28 17.18 26.50 -15.18
CA PRO B 28 18.56 26.93 -15.31
C PRO B 28 19.09 26.76 -16.75
N PRO B 29 20.12 27.56 -17.12
CA PRO B 29 20.78 27.59 -18.44
C PRO B 29 21.19 26.22 -18.90
N PHE B 30 21.75 25.43 -17.98
CA PHE B 30 22.16 24.05 -18.22
C PHE B 30 21.06 23.04 -18.64
N CYS B 31 19.80 23.47 -18.64
CA CYS B 31 18.75 22.56 -19.04
C CYS B 31 18.47 22.74 -20.53
N ARG B 32 19.20 23.71 -21.11
CA ARG B 32 19.12 24.17 -22.52
C ARG B 32 19.66 23.07 -23.40
N GLY B 33 18.79 22.58 -24.29
CA GLY B 33 19.13 21.46 -25.20
C GLY B 33 18.81 20.06 -24.68
N LYS B 34 18.77 19.91 -23.35
CA LYS B 34 18.67 18.57 -22.79
C LYS B 34 17.31 18.06 -22.33
N MET B 35 16.22 18.76 -22.71
CA MET B 35 14.88 18.48 -22.15
C MET B 35 14.16 17.30 -22.72
N GLU B 36 14.33 17.08 -24.01
CA GLU B 36 13.72 15.93 -24.70
C GLU B 36 14.44 14.61 -24.28
N GLU B 37 15.77 14.64 -24.16
CA GLU B 37 16.53 13.52 -23.58
C GLU B 37 16.16 13.21 -22.16
N ILE B 38 16.08 14.23 -21.30
CA ILE B 38 15.49 14.04 -19.95
C ILE B 38 14.10 13.40 -20.07
N ALA B 39 13.28 13.88 -20.98
CA ALA B 39 11.94 13.32 -21.13
C ALA B 39 12.04 11.84 -21.48
N ASN B 40 12.98 11.50 -22.39
CA ASN B 40 13.16 10.10 -22.77
C ASN B 40 14.10 9.29 -21.91
N PHE B 41 14.68 9.90 -20.90
CA PHE B 41 15.54 9.12 -20.00
C PHE B 41 14.90 7.75 -19.68
N PRO B 42 15.66 6.63 -19.93
CA PRO B 42 15.23 5.26 -19.57
C PRO B 42 15.28 4.94 -18.08
N VAL B 43 14.10 4.73 -17.55
CA VAL B 43 13.89 4.50 -16.13
C VAL B 43 13.90 3.01 -15.77
N ARG B 44 14.22 2.65 -14.52
CA ARG B 44 14.25 1.23 -14.08
C ARG B 44 13.37 1.13 -12.83
N PRO B 45 12.44 0.13 -12.81
CA PRO B 45 11.67 -0.25 -11.64
C PRO B 45 12.38 -0.02 -10.32
N SER B 46 13.66 -0.41 -10.22
CA SER B 46 14.45 -0.22 -8.96
C SER B 46 14.96 1.19 -8.59
N ASP B 47 14.99 2.12 -9.55
CA ASP B 47 15.37 3.53 -9.31
C ASP B 47 14.58 4.13 -8.15
N VAL B 48 15.22 5.00 -7.38
CA VAL B 48 14.50 5.85 -6.45
C VAL B 48 14.84 7.29 -6.78
N TRP B 49 13.82 8.13 -6.85
CA TRP B 49 13.96 9.49 -7.26
C TRP B 49 13.64 10.37 -6.08
N ILE B 50 14.38 11.43 -5.92
CA ILE B 50 14.08 12.36 -4.82
C ILE B 50 13.93 13.68 -5.47
N VAL B 51 12.76 14.26 -5.37
CA VAL B 51 12.52 15.52 -6.06
C VAL B 51 12.16 16.61 -5.04
N THR B 52 12.86 17.73 -5.19
CA THR B 52 12.71 18.89 -4.29
C THR B 52 12.79 20.16 -5.08
N TYR B 53 12.10 21.21 -4.59
CA TYR B 53 12.29 22.55 -5.11
C TYR B 53 13.71 22.91 -4.71
N PRO B 54 14.47 23.57 -5.58
CA PRO B 54 15.88 23.73 -5.20
C PRO B 54 16.14 24.60 -4.01
N LYS B 55 17.27 24.29 -3.36
CA LYS B 55 17.83 25.06 -2.26
C LYS B 55 16.85 25.09 -1.12
N SER B 56 16.07 24.03 -1.03
CA SER B 56 14.91 24.11 -0.14
C SER B 56 15.19 23.67 1.26
N GLY B 57 16.44 23.25 1.51
CA GLY B 57 16.95 23.01 2.84
C GLY B 57 16.47 21.71 3.48
N THR B 58 16.17 20.71 2.66
CA THR B 58 15.52 19.50 3.13
C THR B 58 16.59 18.37 3.27
N SER B 59 17.89 18.69 3.23
CA SER B 59 19.00 17.71 3.50
C SER B 59 18.79 16.53 4.49
N LEU B 60 18.28 16.88 5.67
CA LEU B 60 18.10 15.98 6.80
C LEU B 60 17.10 14.95 6.42
N LEU B 61 16.03 15.42 5.76
CA LEU B 61 15.04 14.52 5.21
C LEU B 61 15.65 13.63 4.10
N GLN B 62 16.62 14.12 3.34
CA GLN B 62 17.23 13.29 2.30
C GLN B 62 18.08 12.19 2.91
N GLU B 63 18.89 12.57 3.91
CA GLU B 63 19.64 11.61 4.73
C GLU B 63 18.77 10.53 5.36
N VAL B 64 17.66 10.94 5.96
CA VAL B 64 16.67 10.00 6.42
C VAL B 64 16.22 9.13 5.25
N VAL B 65 15.71 9.69 4.16
CA VAL B 65 15.32 8.80 3.01
C VAL B 65 16.45 7.85 2.61
N TYR B 66 17.68 8.36 2.56
CA TYR B 66 18.89 7.53 2.33
C TYR B 66 19.13 6.40 3.37
N LEU B 67 19.19 6.75 4.67
CA LEU B 67 19.45 5.76 5.73
C LEU B 67 18.47 4.59 5.59
N VAL B 68 17.19 4.94 5.45
CA VAL B 68 16.10 3.99 5.29
C VAL B 68 16.29 3.11 4.04
N SER B 69 16.69 3.72 2.94
CA SER B 69 16.82 3.07 1.63
C SER B 69 18.05 2.15 1.57
N GLN B 70 19.16 2.61 2.14
CA GLN B 70 20.41 1.84 2.15
C GLN B 70 20.94 1.65 3.59
N GLY B 71 21.98 2.43 3.93
CA GLY B 71 22.76 2.34 5.20
C GLY B 71 22.02 2.15 6.52
N GLN B 85 27.89 13.99 -3.71
CA GLN B 85 26.91 13.09 -3.12
C GLN B 85 26.01 12.44 -4.21
N LEU B 86 24.69 12.64 -4.10
CA LEU B 86 23.72 12.06 -5.05
C LEU B 86 23.72 12.77 -6.43
N PRO B 87 23.58 12.01 -7.52
CA PRO B 87 23.60 12.68 -8.81
C PRO B 87 22.26 13.47 -9.04
N VAL B 88 22.34 14.68 -9.59
CA VAL B 88 21.12 15.35 -10.06
C VAL B 88 20.87 15.12 -11.58
N LEU B 89 19.69 14.66 -12.01
CA LEU B 89 19.48 14.27 -13.42
C LEU B 89 19.92 15.31 -14.47
N GLU B 90 19.49 16.57 -14.22
CA GLU B 90 19.66 17.65 -15.15
C GLU B 90 20.94 18.45 -14.91
N TYR B 91 21.70 18.23 -13.84
CA TYR B 91 22.94 18.96 -13.70
C TYR B 91 24.02 18.56 -14.76
N PRO B 92 24.97 19.48 -15.04
CA PRO B 92 25.99 19.22 -16.03
C PRO B 92 26.85 18.02 -15.65
N GLN B 93 27.21 17.89 -14.36
CA GLN B 93 27.97 16.77 -13.80
C GLN B 93 27.13 15.99 -12.82
N PRO B 94 27.17 14.64 -12.92
CA PRO B 94 27.97 13.86 -13.88
C PRO B 94 27.44 13.91 -15.32
N GLY B 95 26.14 14.22 -15.48
CA GLY B 95 25.46 14.37 -16.79
C GLY B 95 24.57 13.16 -17.02
N LEU B 96 23.58 13.26 -17.91
CA LEU B 96 22.64 12.13 -18.12
C LEU B 96 23.29 10.84 -18.72
N ASP B 97 24.21 10.95 -19.66
CA ASP B 97 24.90 9.74 -20.17
C ASP B 97 25.63 8.93 -19.06
N ILE B 98 26.22 9.61 -18.07
CA ILE B 98 26.78 8.86 -16.94
C ILE B 98 25.72 8.18 -16.11
N ILE B 99 24.58 8.85 -15.82
CA ILE B 99 23.60 8.29 -14.89
C ILE B 99 23.03 7.06 -15.58
N LYS B 100 23.06 7.04 -16.90
CA LYS B 100 22.56 5.89 -17.68
C LYS B 100 23.14 4.49 -17.33
N GLU B 101 24.41 4.50 -16.90
CA GLU B 101 25.25 3.32 -16.83
C GLU B 101 25.49 2.97 -15.38
N LEU B 102 24.96 3.79 -14.48
CA LEU B 102 25.10 3.52 -13.04
C LEU B 102 24.39 2.23 -12.64
N THR B 103 24.99 1.54 -11.67
CA THR B 103 24.54 0.22 -11.26
C THR B 103 23.23 0.35 -10.49
N SER B 104 22.18 -0.45 -10.81
CA SER B 104 20.96 -0.49 -9.95
C SER B 104 21.41 -0.83 -8.52
N PRO B 105 20.66 -0.40 -7.47
CA PRO B 105 19.49 0.52 -7.43
C PRO B 105 20.04 1.93 -7.72
N ARG B 106 19.46 2.68 -8.65
CA ARG B 106 19.88 4.10 -8.70
C ARG B 106 19.04 4.93 -7.70
N LEU B 107 19.71 5.82 -6.99
CA LEU B 107 19.06 6.82 -6.17
C LEU B 107 19.41 8.13 -6.89
N ILE B 108 18.45 8.77 -7.55
CA ILE B 108 18.73 9.94 -8.36
C ILE B 108 17.94 11.17 -7.81
N LYS B 109 18.54 12.36 -7.79
CA LYS B 109 17.80 13.57 -7.42
C LYS B 109 17.44 14.35 -8.68
N SER B 110 16.39 15.14 -8.59
CA SER B 110 16.06 16.20 -9.59
C SER B 110 15.39 17.38 -8.84
N HIS B 111 15.35 18.55 -9.46
CA HIS B 111 14.50 19.68 -9.01
C HIS B 111 13.41 20.10 -9.98
N LEU B 112 13.23 19.29 -11.00
CA LEU B 112 12.27 19.57 -12.07
C LEU B 112 10.88 19.37 -11.60
N PRO B 113 9.93 20.22 -12.08
CA PRO B 113 8.52 19.96 -11.77
C PRO B 113 8.10 18.62 -12.39
N TYR B 114 7.05 18.00 -11.84
CA TYR B 114 6.56 16.75 -12.28
C TYR B 114 6.54 16.66 -13.80
N ARG B 115 6.00 17.65 -14.48
CA ARG B 115 5.71 17.48 -15.90
C ARG B 115 6.93 17.36 -16.81
N PHE B 116 8.12 17.74 -16.30
CA PHE B 116 9.29 17.75 -17.13
C PHE B 116 10.16 16.52 -16.82
N LEU B 117 9.76 15.74 -15.82
CA LEU B 117 10.42 14.51 -15.44
C LEU B 117 10.34 13.40 -16.55
N PRO B 118 11.30 12.44 -16.56
CA PRO B 118 11.23 11.26 -17.48
C PRO B 118 9.81 10.67 -17.57
N SER B 119 9.22 10.62 -18.79
CA SER B 119 7.81 10.17 -18.99
C SER B 119 7.53 8.86 -18.37
N ASP B 120 8.59 8.06 -18.28
CA ASP B 120 8.47 6.75 -17.69
C ASP B 120 7.89 6.89 -16.33
N LEU B 121 8.18 8.02 -15.67
CA LEU B 121 7.84 8.23 -14.28
C LEU B 121 6.39 8.61 -14.16
N HIS B 122 5.83 9.21 -15.23
CA HIS B 122 4.45 9.64 -15.27
C HIS B 122 3.53 8.47 -15.31
N ASN B 123 2.99 8.12 -14.14
CA ASN B 123 2.07 7.03 -13.94
C ASN B 123 2.77 5.66 -14.10
N GLY B 124 3.41 5.25 -13.03
CA GLY B 124 3.83 3.89 -12.93
C GLY B 124 5.25 3.64 -12.50
N ASP B 125 6.20 3.92 -13.39
CA ASP B 125 7.59 3.41 -13.14
C ASP B 125 8.29 3.99 -11.93
N SER B 126 8.96 3.13 -11.14
CA SER B 126 9.98 3.58 -10.20
C SER B 126 9.52 4.58 -9.06
N LYS B 127 10.02 4.39 -7.84
CA LYS B 127 9.62 5.22 -6.69
C LYS B 127 10.02 6.74 -6.76
N VAL B 128 9.05 7.65 -6.87
CA VAL B 128 9.33 9.10 -6.74
C VAL B 128 8.93 9.68 -5.37
N ILE B 129 9.97 10.17 -4.66
CA ILE B 129 9.75 10.90 -3.38
C ILE B 129 9.83 12.42 -3.59
N TYR B 130 8.75 13.10 -3.23
CA TYR B 130 8.68 14.55 -3.35
C TYR B 130 8.68 15.09 -1.95
N MET B 131 9.62 15.97 -1.65
CA MET B 131 9.76 16.60 -0.38
C MET B 131 9.40 18.08 -0.48
N ALA B 132 8.35 18.46 0.20
CA ALA B 132 7.83 19.82 0.12
C ALA B 132 8.05 20.42 1.45
N ARG B 133 8.18 21.76 1.46
CA ARG B 133 8.42 22.55 2.63
C ARG B 133 7.56 23.81 2.57
N ASN B 134 7.05 24.28 3.72
CA ASN B 134 6.45 25.64 3.71
C ASN B 134 7.30 26.60 2.99
N PRO B 135 6.66 27.48 2.18
CA PRO B 135 7.33 28.34 1.24
C PRO B 135 8.03 29.54 1.87
N LYS B 136 7.60 29.92 3.08
CA LYS B 136 8.30 30.99 3.86
C LYS B 136 9.67 30.54 4.39
N ASP B 137 9.80 29.32 4.96
CA ASP B 137 11.19 28.78 5.23
C ASP B 137 11.98 28.44 3.97
N LEU B 138 11.29 27.85 3.02
CA LEU B 138 11.96 27.51 1.74
C LEU B 138 12.72 28.70 1.19
N VAL B 139 12.07 29.84 1.22
CA VAL B 139 12.59 31.04 0.58
C VAL B 139 13.80 31.64 1.31
N VAL B 140 13.74 31.71 2.65
CA VAL B 140 14.93 31.94 3.49
C VAL B 140 16.06 30.94 3.21
N SER B 141 15.73 29.65 3.04
CA SER B 141 16.79 28.67 2.84
C SER B 141 17.45 28.89 1.44
N TYR B 142 16.63 29.18 0.46
CA TYR B 142 17.08 29.50 -0.88
C TYR B 142 17.97 30.76 -0.88
N TYR B 143 17.55 31.81 -0.18
CA TYR B 143 18.37 32.99 -0.03
C TYR B 143 19.70 32.74 0.66
N GLN B 144 19.72 31.92 1.72
CA GLN B 144 20.91 31.67 2.50
C GLN B 144 21.86 30.77 1.78
N PHE B 145 21.33 30.08 0.77
CA PHE B 145 22.12 29.20 -0.08
C PHE B 145 23.07 30.10 -0.90
N HIS B 146 24.22 30.35 -0.28
CA HIS B 146 25.38 30.99 -0.91
C HIS B 146 26.57 30.04 -0.71
N GLY B 156 22.39 42.81 -3.48
CA GLY B 156 22.03 41.37 -3.33
C GLY B 156 20.66 40.97 -2.74
N THR B 157 20.22 41.68 -1.67
CA THR B 157 19.01 41.42 -0.75
C THR B 157 17.92 40.27 -0.68
N PHE B 158 17.51 39.89 0.56
CA PHE B 158 16.39 38.93 0.83
C PHE B 158 15.07 39.44 0.31
N GLN B 159 14.85 40.73 0.43
CA GLN B 159 13.61 41.30 0.00
C GLN B 159 13.42 41.03 -1.50
N GLU B 160 14.48 41.21 -2.28
CA GLU B 160 14.44 40.95 -3.71
C GLU B 160 14.30 39.49 -4.03
N PHE B 161 15.09 38.59 -3.42
CA PHE B 161 14.83 37.17 -3.67
C PHE B 161 13.36 36.85 -3.43
N CYS B 162 12.83 37.35 -2.31
CA CYS B 162 11.50 36.95 -1.90
C CYS B 162 10.40 37.44 -2.89
N ARG B 163 10.59 38.65 -3.42
CA ARG B 163 9.81 39.18 -4.51
C ARG B 163 9.93 38.35 -5.77
N ARG B 164 11.14 37.91 -6.11
CA ARG B 164 11.31 37.02 -7.28
C ARG B 164 10.62 35.69 -7.12
N PHE B 165 10.70 35.13 -5.92
CA PHE B 165 9.91 33.96 -5.58
C PHE B 165 8.41 34.18 -5.80
N MET B 166 7.84 35.28 -5.24
CA MET B 166 6.37 35.59 -5.40
C MET B 166 6.00 35.83 -6.86
N ASN B 167 6.93 36.36 -7.67
CA ASN B 167 6.66 36.51 -9.11
C ASN B 167 7.07 35.37 -9.94
N ASP B 168 7.46 34.27 -9.29
CA ASP B 168 7.72 33.07 -10.02
C ASP B 168 8.96 33.17 -10.96
N LYS B 169 9.89 34.06 -10.65
CA LYS B 169 11.09 34.31 -11.45
C LYS B 169 12.41 33.56 -10.96
N LEU B 170 12.29 32.60 -10.06
CA LEU B 170 13.45 31.79 -9.67
C LEU B 170 13.68 30.62 -10.64
N GLY B 171 14.87 30.03 -10.62
CA GLY B 171 15.17 28.82 -11.44
C GLY B 171 14.22 27.73 -11.05
N TYR B 172 13.53 27.17 -12.03
CA TYR B 172 12.63 25.99 -11.88
C TYR B 172 11.16 26.38 -11.77
N GLY B 173 10.91 27.69 -11.82
CA GLY B 173 9.62 28.26 -12.10
C GLY B 173 8.89 28.43 -10.82
N SER B 174 7.56 28.54 -10.94
CA SER B 174 6.67 28.73 -9.83
C SER B 174 6.77 27.57 -8.85
N TRP B 175 6.93 27.91 -7.58
CA TRP B 175 6.82 26.98 -6.50
C TRP B 175 5.37 26.54 -6.35
N PHE B 176 4.43 27.42 -6.67
CA PHE B 176 3.01 27.06 -6.47
C PHE B 176 2.60 25.97 -7.43
N GLU B 177 3.00 26.10 -8.69
CA GLU B 177 2.94 25.00 -9.71
C GLU B 177 3.80 23.81 -9.45
N HIS B 178 5.05 23.98 -9.01
CA HIS B 178 5.88 22.85 -8.67
C HIS B 178 5.20 21.89 -7.66
N VAL B 179 4.85 22.44 -6.48
CA VAL B 179 4.30 21.72 -5.34
C VAL B 179 2.86 21.15 -5.59
N GLN B 180 2.06 21.92 -6.33
CA GLN B 180 0.66 21.60 -6.59
C GLN B 180 0.56 20.44 -7.54
N GLU B 181 1.43 20.39 -8.55
CA GLU B 181 1.44 19.22 -9.44
C GLU B 181 1.81 17.90 -8.72
N PHE B 182 2.92 17.86 -7.98
CA PHE B 182 3.17 16.69 -7.18
C PHE B 182 2.07 16.35 -6.18
N TRP B 183 1.42 17.38 -5.58
CA TRP B 183 0.28 17.14 -4.70
C TRP B 183 -0.89 16.41 -5.39
N GLU B 184 -1.22 16.75 -6.65
CA GLU B 184 -2.29 16.07 -7.38
C GLU B 184 -1.94 14.58 -7.55
N HIS B 185 -0.64 14.26 -7.57
CA HIS B 185 -0.16 12.96 -8.00
C HIS B 185 0.24 12.19 -6.80
N ARG B 186 -0.15 12.67 -5.61
CA ARG B 186 0.31 12.07 -4.34
C ARG B 186 -0.27 10.71 -4.09
N MET B 187 -1.28 10.36 -4.88
CA MET B 187 -2.10 9.17 -4.67
C MET B 187 -1.70 8.09 -5.69
N ASP B 188 -1.00 8.53 -6.76
CA ASP B 188 -0.36 7.64 -7.74
C ASP B 188 0.46 6.65 -7.01
N SER B 189 0.49 5.44 -7.58
CA SER B 189 1.21 4.32 -6.99
C SER B 189 2.72 4.65 -6.89
N ASN B 190 3.30 5.35 -7.90
CA ASN B 190 4.75 5.69 -7.90
C ASN B 190 5.18 7.05 -7.28
N VAL B 191 4.33 7.58 -6.40
CA VAL B 191 4.55 8.92 -5.84
C VAL B 191 4.20 8.92 -4.41
N LEU B 192 5.19 9.28 -3.58
CA LEU B 192 5.01 9.64 -2.19
C LEU B 192 5.34 11.15 -2.00
N PHE B 193 4.38 11.86 -1.42
CA PHE B 193 4.52 13.27 -1.09
C PHE B 193 4.87 13.41 0.39
N LEU B 194 6.02 14.00 0.66
CA LEU B 194 6.44 14.22 2.04
C LEU B 194 6.46 15.74 2.34
N LYS B 195 6.40 16.06 3.64
CA LYS B 195 6.55 17.42 4.12
C LYS B 195 7.68 17.48 5.06
N TYR B 196 8.67 18.29 4.73
CA TYR B 196 9.79 18.55 5.64
C TYR B 196 9.39 18.66 7.14
N GLU B 197 8.40 19.50 7.46
CA GLU B 197 8.02 19.76 8.86
C GLU B 197 7.51 18.49 9.58
N ASP B 198 6.87 17.59 8.82
CA ASP B 198 6.34 16.28 9.34
C ASP B 198 7.47 15.38 9.86
N MET B 199 8.67 15.58 9.38
CA MET B 199 9.82 14.90 9.89
C MET B 199 10.20 15.28 11.32
N HIS B 200 9.76 16.45 11.76
CA HIS B 200 9.91 16.90 13.16
C HIS B 200 8.65 16.68 14.03
N ARG B 201 7.45 16.94 13.49
CA ARG B 201 6.26 16.64 14.30
C ARG B 201 5.82 15.17 14.34
N ASP B 202 6.20 14.37 13.34
CA ASP B 202 6.00 12.93 13.45
C ASP B 202 6.86 12.05 12.58
N LEU B 203 8.09 11.88 13.02
CA LEU B 203 9.05 11.05 12.34
C LEU B 203 8.66 9.55 12.34
N VAL B 204 7.97 9.04 13.37
CA VAL B 204 7.48 7.63 13.36
C VAL B 204 6.65 7.26 12.10
N THR B 205 5.51 7.91 11.88
CA THR B 205 4.65 7.71 10.68
C THR B 205 5.37 7.83 9.34
N MET B 206 6.29 8.79 9.25
CA MET B 206 6.99 9.07 8.00
C MET B 206 7.96 7.94 7.67
N VAL B 207 8.64 7.40 8.71
CA VAL B 207 9.63 6.32 8.53
C VAL B 207 9.01 4.95 8.17
N GLU B 208 7.78 4.71 8.64
CA GLU B 208 6.99 3.57 8.25
C GLU B 208 6.69 3.70 6.77
N GLN B 209 6.14 4.88 6.39
CA GLN B 209 5.73 5.25 5.03
C GLN B 209 6.86 5.14 4.01
N LEU B 210 8.06 5.54 4.41
CA LEU B 210 9.23 5.42 3.56
C LEU B 210 9.41 3.93 3.38
N ALA B 211 9.68 3.24 4.51
CA ALA B 211 10.06 1.81 4.53
C ALA B 211 9.08 0.95 3.71
N ARG B 212 7.82 0.98 4.09
CA ARG B 212 6.73 0.48 3.23
C ARG B 212 6.83 0.91 1.76
N PHE B 213 6.73 2.23 1.46
CA PHE B 213 6.75 2.80 0.09
C PHE B 213 7.91 2.29 -0.74
N LEU B 214 9.09 2.28 -0.12
CA LEU B 214 10.28 1.73 -0.74
C LEU B 214 10.32 0.20 -0.69
N GLY B 215 9.62 -0.43 0.26
CA GLY B 215 9.55 -1.88 0.29
C GLY B 215 10.84 -2.42 0.86
N VAL B 216 11.58 -1.56 1.55
CA VAL B 216 12.54 -2.01 2.54
C VAL B 216 11.65 -2.64 3.58
N SER B 217 11.37 -3.93 3.45
CA SER B 217 10.53 -4.58 4.43
C SER B 217 11.42 -4.99 5.61
N CYS B 218 10.97 -4.60 6.80
CA CYS B 218 11.65 -4.89 8.06
C CYS B 218 10.82 -5.89 8.87
N ASP B 219 11.41 -6.38 9.95
CA ASP B 219 10.59 -6.93 11.03
C ASP B 219 10.41 -5.80 12.05
N LYS B 220 9.48 -6.02 12.99
CA LYS B 220 9.13 -5.04 14.02
C LYS B 220 10.40 -4.44 14.60
N ALA B 221 11.34 -5.32 14.95
CA ALA B 221 12.60 -4.96 15.62
C ALA B 221 13.47 -4.08 14.77
N GLN B 222 13.46 -4.36 13.47
CA GLN B 222 14.29 -3.68 12.48
C GLN B 222 13.76 -2.27 12.22
N LEU B 223 12.43 -2.15 12.08
CA LEU B 223 11.71 -0.85 12.04
C LEU B 223 12.07 0.09 13.19
N GLU B 224 11.93 -0.39 14.42
CA GLU B 224 12.21 0.39 15.62
C GLU B 224 13.69 0.80 15.71
N ALA B 225 14.54 0.06 14.99
CA ALA B 225 15.95 0.35 14.95
C ALA B 225 16.21 1.37 13.85
N LEU B 226 15.63 1.12 12.69
CA LEU B 226 15.56 2.10 11.60
C LEU B 226 15.00 3.44 12.12
N THR B 227 13.77 3.41 12.66
CA THR B 227 13.17 4.56 13.35
C THR B 227 14.15 5.23 14.34
N GLU B 228 14.73 4.45 15.26
CA GLU B 228 15.67 5.03 16.23
C GLU B 228 16.97 5.56 15.63
N HIS B 229 17.51 4.92 14.59
CA HIS B 229 18.65 5.49 13.90
C HIS B 229 18.28 6.86 13.27
N CYS B 230 17.01 7.02 12.89
CA CYS B 230 16.48 8.28 12.34
C CYS B 230 16.28 9.35 13.43
N HIS B 231 15.54 9.01 14.49
CA HIS B 231 15.44 9.87 15.66
C HIS B 231 16.86 10.30 16.07
N GLN B 232 17.78 9.33 16.11
CA GLN B 232 19.18 9.58 16.41
C GLN B 232 19.74 10.69 15.54
N LEU B 233 19.77 10.44 14.23
CA LEU B 233 20.34 11.35 13.24
C LEU B 233 19.73 12.77 13.24
N VAL B 234 18.41 12.82 13.40
CA VAL B 234 17.62 14.06 13.49
C VAL B 234 17.98 14.81 14.79
N ASP B 235 17.97 14.09 15.92
CA ASP B 235 18.21 14.68 17.25
C ASP B 235 19.68 15.10 17.55
N GLN B 236 20.58 14.95 16.57
CA GLN B 236 21.94 15.55 16.64
C GLN B 236 21.90 17.00 16.14
N CYS B 237 20.74 17.37 15.60
CA CYS B 237 20.54 18.63 14.91
C CYS B 237 19.52 19.53 15.60
N CYS B 238 18.61 18.92 16.34
CA CYS B 238 17.53 19.63 17.00
C CYS B 238 18.02 20.38 18.23
N ASN B 239 18.01 21.72 18.12
CA ASN B 239 18.39 22.63 19.21
C ASN B 239 17.41 22.64 20.41
N ALA B 240 17.57 23.59 21.33
CA ALA B 240 16.64 23.76 22.45
C ALA B 240 15.21 24.12 21.96
N GLU B 241 14.82 23.56 20.82
CA GLU B 241 13.52 23.82 20.16
C GLU B 241 13.08 22.68 19.21
N ALA B 242 13.87 21.61 19.19
CA ALA B 242 13.69 20.46 18.28
C ALA B 242 13.55 20.86 16.81
N LEU B 243 14.48 21.69 16.33
CA LEU B 243 14.50 22.10 14.93
C LEU B 243 15.96 22.35 14.56
N PRO B 244 16.40 21.82 13.40
CA PRO B 244 17.82 21.89 13.04
C PRO B 244 18.36 23.27 12.66
N VAL B 245 18.88 23.98 13.66
CA VAL B 245 20.04 24.88 13.50
C VAL B 245 20.54 25.12 12.05
N GLY B 246 20.34 26.34 11.55
CA GLY B 246 20.78 26.68 10.18
C GLY B 246 19.61 26.73 9.20
N ARG B 247 19.85 26.27 7.97
CA ARG B 247 18.85 26.36 6.86
C ARG B 247 17.62 25.40 6.93
N GLY B 248 17.52 24.62 8.00
CA GLY B 248 16.44 23.66 8.18
C GLY B 248 15.58 23.84 9.44
N ARG B 249 15.89 24.85 10.27
CA ARG B 249 14.97 25.25 11.35
C ARG B 249 13.56 25.64 10.83
N VAL B 250 12.51 25.22 11.55
CA VAL B 250 11.14 25.45 11.08
C VAL B 250 10.62 26.71 11.79
N GLY B 251 9.98 27.61 11.04
CA GLY B 251 9.59 28.92 11.60
C GLY B 251 10.72 29.94 11.65
N LEU B 252 11.86 29.69 11.00
CA LEU B 252 12.94 30.65 10.95
C LEU B 252 12.54 31.89 10.14
N TRP B 253 11.66 31.73 9.15
CA TRP B 253 11.16 32.84 8.39
C TRP B 253 10.62 34.00 9.31
N LYS B 254 10.04 33.69 10.47
CA LYS B 254 9.52 34.77 11.34
C LYS B 254 10.59 35.80 11.73
N ASP B 255 11.81 35.33 11.90
CA ASP B 255 12.88 36.22 12.26
C ASP B 255 13.40 37.00 11.12
N ILE B 256 12.89 36.76 9.93
CA ILE B 256 13.46 37.37 8.76
C ILE B 256 12.44 38.20 7.98
N PHE B 257 11.22 37.67 7.77
CA PHE B 257 10.13 38.38 7.12
C PHE B 257 9.77 39.64 7.93
N THR B 258 9.80 40.81 7.29
CA THR B 258 9.13 41.98 7.92
C THR B 258 7.57 41.82 7.93
N VAL B 259 6.86 42.54 8.82
CA VAL B 259 5.39 42.53 8.77
C VAL B 259 4.88 42.80 7.37
N SER B 260 5.44 43.79 6.67
CA SER B 260 4.86 44.06 5.38
C SER B 260 5.16 43.04 4.27
N MET B 261 6.31 42.41 4.37
CA MET B 261 6.70 41.30 3.50
C MET B 261 5.75 40.13 3.76
N ASN B 262 5.47 39.87 5.03
CA ASN B 262 4.63 38.72 5.41
C ASN B 262 3.21 38.90 4.89
N GLU B 263 2.68 40.11 5.05
CA GLU B 263 1.42 40.51 4.43
C GLU B 263 1.30 40.42 2.89
N LYS B 264 2.24 40.97 2.10
CA LYS B 264 2.29 40.79 0.62
C LYS B 264 2.34 39.26 0.33
N PHE B 265 3.14 38.51 1.07
CA PHE B 265 3.31 37.05 0.85
C PHE B 265 2.00 36.27 1.08
N ASP B 266 1.31 36.53 2.21
CA ASP B 266 0.03 35.86 2.46
C ASP B 266 -0.96 36.08 1.29
N LEU B 267 -0.86 37.23 0.57
CA LEU B 267 -1.86 37.55 -0.45
C LEU B 267 -1.56 36.81 -1.76
N VAL B 268 -0.28 36.76 -2.12
CA VAL B 268 0.16 35.97 -3.21
C VAL B 268 -0.08 34.42 -2.96
N TYR B 269 0.29 33.90 -1.80
CA TYR B 269 0.04 32.50 -1.48
C TYR B 269 -1.43 32.18 -1.67
N LYS B 270 -2.27 32.89 -0.94
CA LYS B 270 -3.71 32.65 -0.96
C LYS B 270 -4.21 32.64 -2.38
N GLN B 271 -3.76 33.63 -3.16
CA GLN B 271 -4.25 33.78 -4.52
C GLN B 271 -3.71 32.69 -5.46
N LYS B 272 -2.50 32.17 -5.20
CA LYS B 272 -1.90 31.21 -6.11
C LYS B 272 -2.11 29.77 -5.71
N MET B 273 -2.57 29.55 -4.48
CA MET B 273 -3.02 28.24 -4.07
C MET B 273 -4.46 27.87 -4.49
N GLY B 274 -5.26 28.86 -4.90
CA GLY B 274 -6.66 28.66 -5.28
C GLY B 274 -7.28 27.77 -4.22
N LYS B 275 -8.08 26.80 -4.68
CA LYS B 275 -8.73 25.83 -3.75
C LYS B 275 -7.94 24.51 -3.55
N CYS B 276 -6.65 24.51 -3.88
CA CYS B 276 -5.77 23.42 -3.56
C CYS B 276 -5.85 23.18 -2.07
N ASP B 277 -5.95 21.93 -1.65
CA ASP B 277 -6.22 21.63 -0.24
C ASP B 277 -4.93 21.25 0.49
N LEU B 278 -3.78 21.52 -0.12
CA LEU B 278 -2.46 21.24 0.47
C LEU B 278 -2.26 22.29 1.54
N THR B 279 -1.73 21.92 2.72
CA THR B 279 -1.36 22.86 3.79
C THR B 279 0.03 22.50 4.34
N PHE B 280 0.68 23.46 5.03
CA PHE B 280 1.97 23.27 5.64
C PHE B 280 1.93 23.69 7.10
N ASP B 281 2.80 23.13 7.95
CA ASP B 281 3.04 23.80 9.20
C ASP B 281 4.06 24.89 8.89
N PHE B 282 3.85 26.10 9.42
CA PHE B 282 4.80 27.22 9.19
C PHE B 282 5.68 27.50 10.40
N TYR B 283 5.42 26.80 11.48
CA TYR B 283 6.28 26.76 12.70
C TYR B 283 5.82 25.56 13.56
N LEU B 284 6.62 25.24 14.57
CA LEU B 284 6.39 24.07 15.40
C LEU B 284 6.30 24.56 16.83
#